data_3BLA
#
_entry.id   3BLA
#
_cell.length_a   48.730
_cell.length_b   55.812
_cell.length_c   59.400
_cell.angle_alpha   117.680
_cell.angle_beta   93.350
_cell.angle_gamma   99.720
#
_symmetry.space_group_name_H-M   'P 1'
#
loop_
_entity.id
_entity.type
_entity.pdbx_description
1 polymer 'Scavenger mRNA-decapping enzyme DcpS'
2 non-polymer 5-[(1S)-1-(3-chlorophenyl)ethoxy]quinazoline-2,4-diamine
3 water water
#
_entity_poly.entity_id   1
_entity_poly.type   'polypeptide(L)'
_entity_poly.pdbx_seq_one_letter_code
;SAPVRLPFSGFRLQKVLRESARDKIIFLHGKVNEASGDGDGEDAVVILEKTPFQVEQVAQLLTGSPELQLQFSNDIYSTY
HLFPPRQLNDVKTTVVYPATEKHLQKYLRQDLRLIRETGDDYRNITLPHLESQSLSIQWVYNILDKKAEADRIVFENPDP
SDGFVLIPDLKWNQQQLDDLYLIAICHRRGIRSLRDLTPEHLPLLRNILHQGQEAILQRYRMKGDHLRVYLHYLPSYYHL
HVHFTALGFEAPGSGVERAHLLAEVIENLECDPRHYQQRTLTFALRADDPLLKLLQEAQQS
;
_entity_poly.pdbx_strand_id   A,B
#
# COMPACT_ATOMS: atom_id res chain seq x y z
N LEU A 6 28.58 -1.15 -14.96
CA LEU A 6 27.27 -0.87 -15.63
C LEU A 6 27.15 -1.71 -16.90
N PRO A 7 25.92 -1.83 -17.45
CA PRO A 7 25.70 -2.46 -18.76
C PRO A 7 25.84 -1.46 -19.94
N PHE A 8 26.42 -0.30 -19.66
CA PHE A 8 26.74 0.72 -20.66
C PHE A 8 27.82 1.62 -20.05
N SER A 9 28.23 2.65 -20.79
CA SER A 9 29.15 3.68 -20.27
C SER A 9 28.71 5.07 -20.71
N GLY A 10 29.12 6.08 -19.95
CA GLY A 10 28.92 7.46 -20.35
C GLY A 10 27.47 7.87 -20.23
N PHE A 11 26.93 7.71 -19.03
CA PHE A 11 25.55 8.08 -18.72
C PHE A 11 25.43 9.59 -18.62
N ARG A 12 24.42 10.15 -19.29
CA ARG A 12 24.18 11.59 -19.31
C ARG A 12 22.69 11.88 -19.14
N LEU A 13 22.33 12.54 -18.04
CA LEU A 13 20.93 12.82 -17.70
C LEU A 13 20.24 13.68 -18.76
N GLN A 14 19.15 13.15 -19.32
CA GLN A 14 18.27 13.90 -20.20
C GLN A 14 17.12 14.51 -19.41
N LYS A 15 16.54 13.73 -18.48
CA LYS A 15 15.36 14.14 -17.75
C LYS A 15 15.12 13.32 -16.48
N VAL A 16 14.74 14.01 -15.41
CA VAL A 16 14.21 13.36 -14.22
C VAL A 16 12.76 12.98 -14.53
N LEU A 17 12.46 11.69 -14.60
CA LEU A 17 11.10 11.25 -14.94
C LEU A 17 10.18 11.31 -13.71
N ARG A 18 10.76 11.10 -12.53
CA ARG A 18 10.00 11.00 -11.31
C ARG A 18 10.96 11.12 -10.13
N GLU A 19 10.50 11.79 -9.08
CA GLU A 19 11.35 12.08 -7.93
C GLU A 19 10.44 12.30 -6.74
N SER A 20 10.60 11.47 -5.71
CA SER A 20 9.82 11.55 -4.49
C SER A 20 10.76 11.62 -3.29
N ALA A 21 10.68 12.70 -2.52
CA ALA A 21 11.41 12.83 -1.27
C ALA A 21 10.78 11.98 -0.18
N ARG A 22 9.48 11.68 -0.33
CA ARG A 22 8.72 10.90 0.64
C ARG A 22 9.09 9.42 0.56
N ASP A 23 9.25 8.92 -0.66
CA ASP A 23 9.73 7.56 -0.89
C ASP A 23 11.24 7.45 -1.15
N LYS A 24 11.95 8.59 -1.17
CA LYS A 24 13.41 8.61 -1.39
C LYS A 24 13.78 7.74 -2.58
N ILE A 25 13.06 7.94 -3.67
CA ILE A 25 13.21 7.16 -4.89
C ILE A 25 13.27 8.14 -6.04
N ILE A 26 13.95 7.75 -7.11
CA ILE A 26 14.16 8.65 -8.23
C ILE A 26 14.33 7.87 -9.54
N PHE A 27 13.74 8.41 -10.62
CA PHE A 27 13.74 7.77 -11.94
C PHE A 27 14.44 8.69 -12.91
N LEU A 28 15.56 8.25 -13.48
CA LEU A 28 16.35 9.09 -14.39
C LEU A 28 16.38 8.55 -15.81
N HIS A 29 16.10 9.43 -16.77
CA HIS A 29 16.26 9.11 -18.18
C HIS A 29 17.56 9.70 -18.64
N GLY A 30 18.47 8.83 -19.10
CA GLY A 30 19.74 9.27 -19.64
C GLY A 30 20.09 8.65 -20.98
N LYS A 31 20.87 9.40 -21.77
CA LYS A 31 21.49 8.90 -22.98
C LYS A 31 22.81 8.24 -22.61
N VAL A 32 23.08 7.09 -23.26
CA VAL A 32 24.23 6.25 -22.94
C VAL A 32 24.93 5.77 -24.22
N ASN A 33 26.19 5.35 -24.09
CA ASN A 33 27.01 4.93 -25.25
C ASN A 33 27.04 5.99 -26.37
N GLU A 34 27.84 7.04 -26.19
CA GLU A 34 27.89 8.12 -27.19
C GLU A 34 29.23 8.86 -27.19
N GLU A 42 21.94 5.80 -27.01
CA GLU A 42 20.72 5.03 -26.73
C GLU A 42 20.06 5.49 -25.45
N ASP A 43 18.78 5.16 -25.31
CA ASP A 43 18.01 5.55 -24.12
C ASP A 43 18.13 4.52 -23.02
N ALA A 44 18.26 5.00 -21.78
CA ALA A 44 18.30 4.15 -20.59
C ALA A 44 17.63 4.84 -19.41
N VAL A 45 16.92 4.06 -18.59
CA VAL A 45 16.30 4.56 -17.37
C VAL A 45 16.98 3.91 -16.18
N VAL A 46 17.45 4.73 -15.25
CA VAL A 46 18.03 4.20 -14.01
C VAL A 46 17.15 4.63 -12.85
N ILE A 47 16.63 3.64 -12.13
CA ILE A 47 15.83 3.87 -10.95
C ILE A 47 16.75 3.72 -9.74
N LEU A 48 16.73 4.71 -8.85
CA LEU A 48 17.49 4.63 -7.60
C LEU A 48 16.56 4.92 -6.42
N GLU A 49 16.73 4.14 -5.36
CA GLU A 49 15.85 4.18 -4.19
C GLU A 49 16.66 3.89 -2.92
N LYS A 50 16.61 4.79 -1.95
CA LYS A 50 17.25 4.55 -0.65
C LYS A 50 16.57 3.34 -0.02
N THR A 51 17.38 2.47 0.61
CA THR A 51 16.89 1.18 1.07
C THR A 51 16.27 1.30 2.47
N PRO A 52 15.48 0.30 2.87
CA PRO A 52 14.95 0.30 4.23
C PRO A 52 16.06 0.14 5.26
N PHE A 53 15.75 0.55 6.49
CA PHE A 53 16.70 0.42 7.58
C PHE A 53 16.77 -1.05 8.04
N GLN A 54 17.96 -1.47 8.46
CA GLN A 54 18.15 -2.75 9.09
C GLN A 54 18.29 -2.46 10.58
N VAL A 55 17.33 -2.95 11.36
CA VAL A 55 17.21 -2.57 12.77
C VAL A 55 18.41 -3.02 13.62
N GLU A 56 18.73 -4.32 13.62
CA GLU A 56 19.87 -4.84 14.40
C GLU A 56 21.13 -4.00 14.15
N GLN A 57 21.38 -3.63 12.90
CA GLN A 57 22.59 -2.91 12.54
C GLN A 57 22.55 -1.42 12.92
N VAL A 58 21.38 -0.79 12.84
CA VAL A 58 21.23 0.58 13.35
C VAL A 58 21.41 0.54 14.86
N ALA A 59 20.75 -0.42 15.49
CA ALA A 59 20.86 -0.60 16.94
C ALA A 59 22.34 -0.64 17.30
N GLN A 60 23.07 -1.56 16.68
CA GLN A 60 24.50 -1.70 16.93
C GLN A 60 25.24 -0.37 16.76
N LEU A 61 25.10 0.25 15.59
CA LEU A 61 25.75 1.54 15.31
C LEU A 61 25.57 2.55 16.44
N LEU A 62 24.32 2.76 16.84
CA LEU A 62 23.93 3.77 17.85
C LEU A 62 24.54 3.54 19.24
N THR A 63 25.01 2.33 19.50
CA THR A 63 25.72 2.02 20.73
C THR A 63 27.21 1.84 20.48
N GLY A 64 27.70 2.46 19.40
CA GLY A 64 29.12 2.57 19.16
C GLY A 64 29.48 4.04 19.25
N SER A 65 30.32 4.48 18.31
CA SER A 65 30.76 5.86 18.20
C SER A 65 30.36 6.40 16.83
N PRO A 66 29.06 6.61 16.59
CA PRO A 66 28.62 7.00 15.25
C PRO A 66 29.07 8.41 14.89
N GLU A 67 29.40 8.61 13.61
CA GLU A 67 29.79 9.94 13.11
C GLU A 67 28.53 10.83 12.98
N LEU A 68 28.40 11.79 13.90
CA LEU A 68 27.24 12.69 13.94
C LEU A 68 27.64 14.14 13.73
N GLN A 69 26.72 14.94 13.22
CA GLN A 69 26.90 16.39 13.14
C GLN A 69 25.62 17.10 13.56
N LEU A 70 25.74 17.95 14.57
CA LEU A 70 24.58 18.51 15.26
C LEU A 70 23.92 19.65 14.50
N GLN A 71 22.69 19.43 14.06
CA GLN A 71 21.90 20.45 13.37
C GLN A 71 21.34 21.49 14.35
N PHE A 72 20.47 21.04 15.26
CA PHE A 72 19.96 21.92 16.31
C PHE A 72 19.55 21.12 17.53
N SER A 73 19.28 21.84 18.61
CA SER A 73 18.96 21.25 19.89
C SER A 73 18.00 22.18 20.63
N ASN A 74 16.84 21.65 21.02
CA ASN A 74 15.91 22.35 21.91
C ASN A 74 15.44 21.43 23.04
N ASP A 75 16.02 21.63 24.21
CA ASP A 75 15.78 20.83 25.41
C ASP A 75 15.90 19.31 25.14
N ILE A 76 14.80 18.57 25.18
CA ILE A 76 14.86 17.11 25.06
C ILE A 76 14.97 16.62 23.62
N TYR A 77 14.81 17.52 22.65
CA TYR A 77 14.93 17.18 21.23
C TYR A 77 16.26 17.66 20.64
N SER A 78 16.85 16.85 19.77
CA SER A 78 18.07 17.23 19.05
C SER A 78 18.10 16.60 17.66
N THR A 79 18.53 17.39 16.66
CA THR A 79 18.67 16.91 15.28
C THR A 79 20.14 16.78 14.86
N TYR A 80 20.44 15.70 14.15
CA TYR A 80 21.80 15.39 13.69
C TYR A 80 21.80 14.85 12.27
N HIS A 81 22.85 15.19 11.52
CA HIS A 81 23.18 14.48 10.29
C HIS A 81 24.03 13.28 10.69
N LEU A 82 23.54 12.07 10.41
CA LEU A 82 24.29 10.84 10.65
C LEU A 82 24.87 10.33 9.32
N PHE A 83 26.10 9.85 9.37
CA PHE A 83 26.77 9.32 8.17
C PHE A 83 27.22 7.90 8.41
N PRO A 84 26.33 6.92 8.13
CA PRO A 84 26.62 5.56 8.56
C PRO A 84 27.77 4.91 7.80
N PRO A 85 28.25 3.77 8.30
CA PRO A 85 29.22 2.99 7.56
C PRO A 85 28.60 2.31 6.33
N ARG A 86 29.44 1.95 5.38
CA ARG A 86 29.02 1.44 4.05
C ARG A 86 27.82 0.49 4.10
N GLN A 87 27.89 -0.50 4.98
CA GLN A 87 26.78 -1.43 5.26
C GLN A 87 25.39 -0.82 5.10
N LEU A 88 25.18 0.33 5.74
CA LEU A 88 23.84 0.88 5.94
C LEU A 88 23.54 2.02 4.95
N ASN A 89 24.40 2.18 3.95
CA ASN A 89 24.19 3.20 2.92
C ASN A 89 23.79 2.60 1.58
N ASP A 90 23.35 1.33 1.59
CA ASP A 90 22.95 0.65 0.36
C ASP A 90 21.84 1.43 -0.34
N VAL A 91 21.99 1.59 -1.65
CA VAL A 91 20.97 2.21 -2.48
C VAL A 91 20.61 1.26 -3.61
N LYS A 92 19.39 0.71 -3.51
CA LYS A 92 18.77 -0.10 -4.56
C LYS A 92 18.82 0.65 -5.87
N THR A 93 19.48 0.06 -6.88
CA THR A 93 19.63 0.68 -8.20
C THR A 93 19.24 -0.28 -9.31
N THR A 94 18.17 0.05 -10.03
CA THR A 94 17.66 -0.78 -11.11
C THR A 94 17.86 -0.05 -12.44
N VAL A 95 18.19 -0.79 -13.49
CA VAL A 95 18.55 -0.21 -14.78
C VAL A 95 17.76 -0.87 -15.89
N VAL A 96 17.19 -0.04 -16.76
CA VAL A 96 16.49 -0.52 -17.95
C VAL A 96 17.24 -0.06 -19.19
N TYR A 97 17.83 -1.01 -19.91
CA TYR A 97 18.64 -0.74 -21.09
C TYR A 97 18.58 -1.90 -22.11
N PRO A 98 18.16 -1.63 -23.36
CA PRO A 98 17.65 -0.36 -23.88
C PRO A 98 16.24 -0.05 -23.38
N ALA A 99 16.02 1.20 -22.99
CA ALA A 99 14.70 1.66 -22.55
C ALA A 99 13.82 1.93 -23.77
N THR A 100 12.59 1.44 -23.71
CA THR A 100 11.59 1.73 -24.74
C THR A 100 10.92 3.06 -24.42
N GLU A 101 10.15 3.59 -25.36
CA GLU A 101 9.36 4.79 -25.12
C GLU A 101 8.30 4.49 -24.05
N LYS A 102 7.76 3.28 -24.10
CA LYS A 102 6.79 2.84 -23.09
C LYS A 102 7.36 3.13 -21.68
N HIS A 103 8.65 2.88 -21.49
CA HIS A 103 9.32 3.17 -20.23
C HIS A 103 9.39 4.67 -19.96
N LEU A 104 9.85 5.42 -20.96
CA LEU A 104 10.05 6.86 -20.82
C LEU A 104 8.72 7.61 -20.53
N GLN A 105 7.61 7.11 -21.06
CA GLN A 105 6.31 7.74 -20.81
C GLN A 105 5.69 7.23 -19.51
N LYS A 106 5.98 5.97 -19.17
CA LYS A 106 5.30 5.26 -18.06
C LYS A 106 5.53 5.87 -16.69
N TYR A 107 6.69 6.45 -16.48
CA TYR A 107 7.10 6.93 -15.16
C TYR A 107 6.83 8.41 -14.93
N LEU A 108 6.85 9.21 -16.00
CA LEU A 108 6.47 10.62 -15.92
C LEU A 108 5.38 10.84 -14.89
N ARG A 109 5.64 11.72 -13.93
CA ARG A 109 4.63 12.12 -12.97
C ARG A 109 3.44 12.65 -13.77
N GLN A 110 2.34 11.91 -13.74
CA GLN A 110 1.07 12.34 -14.34
C GLN A 110 -0.05 12.13 -13.31
N ASP A 111 -1.11 12.92 -13.43
CA ASP A 111 -2.19 12.90 -12.44
C ASP A 111 -3.05 11.62 -12.61
N LEU A 112 -3.56 11.12 -11.49
CA LEU A 112 -4.37 9.90 -11.46
C LEU A 112 -5.86 10.20 -11.28
N ARG A 113 -6.68 9.70 -12.21
CA ARG A 113 -8.14 9.77 -12.14
C ARG A 113 -8.72 8.38 -11.89
N LEU A 114 -9.89 8.34 -11.28
CA LEU A 114 -10.56 7.07 -10.93
C LEU A 114 -11.64 6.73 -11.94
N ILE A 115 -11.69 5.49 -12.38
CA ILE A 115 -12.69 5.09 -13.37
C ILE A 115 -13.43 3.86 -12.84
N ARG A 116 -14.66 3.67 -13.28
CA ARG A 116 -15.45 2.50 -12.92
C ARG A 116 -15.86 1.69 -14.15
N GLU A 117 -15.13 0.60 -14.39
CA GLU A 117 -15.25 -0.22 -15.57
C GLU A 117 -16.28 -1.32 -15.35
N THR A 118 -17.34 -1.33 -16.15
CA THR A 118 -18.35 -2.40 -16.09
C THR A 118 -17.84 -3.62 -16.85
N GLY A 119 -18.61 -4.70 -16.83
CA GLY A 119 -18.22 -5.90 -17.56
C GLY A 119 -18.13 -5.61 -19.05
N ASP A 120 -19.16 -4.94 -19.56
CA ASP A 120 -19.29 -4.63 -20.99
C ASP A 120 -18.28 -3.58 -21.44
N ASP A 121 -18.04 -2.60 -20.58
CA ASP A 121 -16.96 -1.63 -20.82
C ASP A 121 -15.65 -2.37 -21.09
N TYR A 122 -15.35 -3.40 -20.32
CA TYR A 122 -14.08 -4.10 -20.46
C TYR A 122 -13.92 -4.78 -21.82
N ARG A 123 -14.90 -5.59 -22.19
CA ARG A 123 -14.85 -6.38 -23.42
C ARG A 123 -15.02 -5.55 -24.68
N ASN A 124 -15.83 -4.51 -24.61
CA ASN A 124 -16.08 -3.66 -25.79
C ASN A 124 -15.09 -2.51 -25.92
N ILE A 125 -14.49 -2.07 -24.82
CA ILE A 125 -13.61 -0.89 -24.83
C ILE A 125 -12.16 -1.18 -24.42
N THR A 126 -11.98 -1.83 -23.27
CA THR A 126 -10.66 -2.01 -22.68
C THR A 126 -9.89 -3.06 -23.47
N LEU A 127 -10.44 -4.28 -23.51
CA LEU A 127 -9.82 -5.41 -24.19
C LEU A 127 -9.33 -5.05 -25.60
N PRO A 128 -10.18 -4.41 -26.43
CA PRO A 128 -9.68 -3.90 -27.71
C PRO A 128 -8.48 -2.97 -27.59
N HIS A 129 -8.54 -1.98 -26.70
CA HIS A 129 -7.42 -1.03 -26.53
C HIS A 129 -6.21 -1.73 -25.92
N LEU A 130 -6.48 -2.76 -25.14
CA LEU A 130 -5.41 -3.61 -24.63
C LEU A 130 -4.67 -4.21 -25.83
N GLU A 131 -5.45 -4.82 -26.73
CA GLU A 131 -4.92 -5.49 -27.90
C GLU A 131 -4.31 -4.49 -28.89
N SER A 132 -4.63 -3.21 -28.73
CA SER A 132 -4.06 -2.15 -29.54
C SER A 132 -2.65 -1.80 -29.09
N GLN A 133 -2.20 -2.41 -28.00
CA GLN A 133 -0.83 -2.24 -27.50
C GLN A 133 0.00 -3.50 -27.71
N SER A 134 1.31 -3.32 -27.74
CA SER A 134 2.26 -4.43 -27.75
C SER A 134 3.41 -4.11 -26.78
N LEU A 135 3.26 -4.53 -25.53
CA LEU A 135 4.27 -4.34 -24.48
C LEU A 135 5.04 -5.65 -24.30
N SER A 136 6.35 -5.56 -24.08
CA SER A 136 7.18 -6.74 -23.85
C SER A 136 7.13 -7.16 -22.39
N ILE A 137 6.81 -8.42 -22.16
CA ILE A 137 6.93 -9.04 -20.84
C ILE A 137 7.85 -10.26 -20.95
N GLN A 138 8.93 -10.12 -21.72
CA GLN A 138 9.85 -11.23 -21.94
C GLN A 138 10.45 -11.70 -20.63
N TRP A 139 10.57 -10.78 -19.66
CA TRP A 139 11.19 -11.11 -18.37
C TRP A 139 10.37 -12.10 -17.55
N VAL A 140 9.05 -12.09 -17.76
CA VAL A 140 8.15 -13.01 -17.06
C VAL A 140 8.31 -14.40 -17.65
N TYR A 141 8.23 -14.48 -18.97
CA TYR A 141 8.46 -15.74 -19.66
C TYR A 141 9.87 -16.26 -19.37
N ASN A 142 10.82 -15.36 -19.15
CA ASN A 142 12.18 -15.78 -18.78
C ASN A 142 12.24 -16.54 -17.45
N ILE A 143 11.55 -16.02 -16.45
CA ILE A 143 11.41 -16.69 -15.16
C ILE A 143 10.69 -18.04 -15.33
N LEU A 144 9.64 -18.04 -16.16
CA LEU A 144 8.78 -19.21 -16.33
C LEU A 144 9.46 -20.36 -17.08
N ASP A 145 10.47 -20.05 -17.90
CA ASP A 145 11.20 -21.05 -18.69
C ASP A 145 12.59 -21.31 -18.14
N LYS A 146 12.84 -20.82 -16.92
CA LYS A 146 14.17 -20.84 -16.31
C LYS A 146 15.28 -20.22 -17.18
N LYS A 147 14.92 -19.28 -18.06
CA LYS A 147 15.92 -18.57 -18.89
C LYS A 147 16.59 -17.44 -18.09
N ALA A 148 15.96 -16.99 -17.00
CA ALA A 148 16.57 -16.01 -16.10
C ALA A 148 16.02 -16.09 -14.68
N GLU A 149 16.87 -15.78 -13.71
CA GLU A 149 16.53 -15.79 -12.29
C GLU A 149 16.22 -17.17 -11.72
N ALA A 150 16.51 -18.22 -12.47
CA ALA A 150 16.16 -19.60 -12.09
C ALA A 150 16.49 -19.96 -10.63
N ASP A 151 17.64 -19.53 -10.13
CA ASP A 151 18.05 -19.89 -8.77
C ASP A 151 17.70 -18.84 -7.73
N ARG A 152 16.88 -17.86 -8.09
CA ARG A 152 16.21 -16.99 -7.13
C ARG A 152 14.83 -17.57 -6.80
N ILE A 153 14.36 -18.52 -7.60
CA ILE A 153 13.04 -19.11 -7.39
C ILE A 153 12.96 -19.70 -5.98
N VAL A 154 11.87 -19.39 -5.28
CA VAL A 154 11.66 -19.87 -3.93
C VAL A 154 10.80 -21.14 -3.93
N PHE A 155 9.80 -21.18 -4.82
CA PHE A 155 8.90 -22.34 -4.97
C PHE A 155 8.28 -22.40 -6.38
N GLU A 156 8.08 -23.62 -6.88
CA GLU A 156 7.37 -23.83 -8.14
C GLU A 156 6.38 -24.99 -8.08
N ASN A 157 5.14 -24.74 -8.46
CA ASN A 157 4.20 -25.80 -8.83
C ASN A 157 4.33 -25.91 -10.35
N PRO A 158 4.79 -27.07 -10.86
CA PRO A 158 5.25 -27.07 -12.24
C PRO A 158 4.18 -27.45 -13.25
N ASP A 159 2.95 -27.66 -12.82
CA ASP A 159 1.86 -27.95 -13.75
C ASP A 159 1.67 -26.77 -14.71
N PRO A 160 1.71 -27.02 -16.03
CA PRO A 160 1.41 -25.98 -17.02
C PRO A 160 0.05 -25.30 -16.89
N SER A 161 -0.93 -26.02 -16.36
CA SER A 161 -2.28 -25.45 -16.20
C SER A 161 -2.44 -24.76 -14.84
N ASP A 162 -2.29 -25.52 -13.75
CA ASP A 162 -2.56 -25.06 -12.39
C ASP A 162 -1.31 -24.63 -11.61
N GLY A 163 -0.18 -24.44 -12.30
CA GLY A 163 1.10 -24.24 -11.62
C GLY A 163 1.67 -22.85 -11.74
N PHE A 164 2.63 -22.54 -10.88
CA PHE A 164 3.15 -21.18 -10.78
C PHE A 164 4.58 -21.18 -10.28
N VAL A 165 5.18 -20.00 -10.28
CA VAL A 165 6.54 -19.80 -9.79
C VAL A 165 6.57 -18.68 -8.75
N LEU A 166 6.85 -19.03 -7.49
CA LEU A 166 7.02 -18.04 -6.41
C LEU A 166 8.47 -17.56 -6.37
N ILE A 167 8.64 -16.24 -6.33
CA ILE A 167 9.94 -15.60 -6.55
C ILE A 167 9.89 -14.19 -5.96
N PRO A 168 10.99 -13.72 -5.35
CA PRO A 168 10.90 -12.38 -4.76
C PRO A 168 10.72 -11.33 -5.85
N ASP A 169 9.93 -10.31 -5.58
CA ASP A 169 9.82 -9.20 -6.52
C ASP A 169 11.15 -8.44 -6.58
N LEU A 170 11.54 -8.02 -7.79
CA LEU A 170 12.75 -7.16 -7.99
C LEU A 170 12.85 -6.00 -6.99
N LYS A 171 11.69 -5.44 -6.60
CA LYS A 171 11.57 -4.38 -5.60
C LYS A 171 12.25 -4.71 -4.27
N TRP A 172 12.23 -5.99 -3.90
CA TRP A 172 12.70 -6.39 -2.58
C TRP A 172 14.15 -6.79 -2.62
N ASN A 173 15.00 -6.06 -1.89
CA ASN A 173 16.43 -6.40 -1.79
C ASN A 173 16.72 -7.55 -0.81
N GLN A 174 15.67 -8.06 -0.15
CA GLN A 174 15.74 -9.31 0.64
C GLN A 174 16.63 -9.24 1.88
N GLN A 175 16.90 -8.03 2.33
CA GLN A 175 17.80 -7.76 3.44
C GLN A 175 17.07 -7.60 4.76
N GLN A 176 15.73 -7.61 4.72
CA GLN A 176 14.93 -7.49 5.93
C GLN A 176 13.49 -7.94 5.68
N LEU A 177 12.82 -8.44 6.70
CA LEU A 177 11.45 -8.97 6.57
C LEU A 177 10.37 -7.88 6.56
N ASP A 178 10.73 -6.66 6.93
CA ASP A 178 9.78 -5.55 6.97
C ASP A 178 9.12 -5.31 5.63
N ASP A 179 9.90 -5.42 4.54
CA ASP A 179 9.41 -5.19 3.18
C ASP A 179 9.36 -6.47 2.35
N LEU A 180 9.08 -7.60 3.00
CA LEU A 180 9.00 -8.90 2.32
C LEU A 180 8.00 -8.79 1.19
N TYR A 181 8.44 -9.15 0.00
CA TYR A 181 7.65 -8.97 -1.19
C TYR A 181 8.07 -10.00 -2.24
N LEU A 182 7.25 -11.04 -2.38
CA LEU A 182 7.37 -12.01 -3.45
C LEU A 182 6.20 -11.89 -4.44
N ILE A 183 6.44 -12.33 -5.67
CA ILE A 183 5.37 -12.49 -6.64
C ILE A 183 5.21 -13.96 -6.96
N ALA A 184 3.97 -14.36 -7.26
CA ALA A 184 3.65 -15.68 -7.80
C ALA A 184 3.19 -15.48 -9.24
N ILE A 185 3.99 -15.97 -10.18
CA ILE A 185 3.70 -15.86 -11.60
C ILE A 185 3.23 -17.21 -12.12
N CYS A 186 2.04 -17.26 -12.73
CA CYS A 186 1.45 -18.53 -13.15
C CYS A 186 2.10 -19.02 -14.44
N HIS A 187 2.25 -20.33 -14.55
CA HIS A 187 2.85 -20.96 -15.74
C HIS A 187 1.97 -20.71 -16.97
N ARG A 188 0.66 -20.77 -16.76
CA ARG A 188 -0.30 -20.69 -17.84
C ARG A 188 -0.36 -19.31 -18.53
N ARG A 189 -0.14 -19.30 -19.84
CA ARG A 189 -0.22 -18.08 -20.63
C ARG A 189 -1.66 -17.75 -21.01
N GLY A 190 -1.88 -16.53 -21.51
CA GLY A 190 -3.21 -16.08 -21.94
C GLY A 190 -4.16 -15.58 -20.84
N ILE A 191 -3.64 -15.35 -19.64
CA ILE A 191 -4.46 -14.83 -18.54
C ILE A 191 -3.93 -13.45 -18.14
N ARG A 192 -4.46 -12.42 -18.79
CA ARG A 192 -3.91 -11.06 -18.70
C ARG A 192 -4.19 -10.40 -17.35
N SER A 193 -5.34 -10.66 -16.77
CA SER A 193 -5.70 -10.02 -15.52
C SER A 193 -6.88 -10.67 -14.82
N LEU A 194 -7.29 -10.00 -13.76
CA LEU A 194 -8.48 -10.32 -12.98
C LEU A 194 -9.67 -10.60 -13.88
N ARG A 195 -9.74 -9.87 -14.98
CA ARG A 195 -10.83 -10.03 -15.96
C ARG A 195 -10.94 -11.41 -16.61
N ASP A 196 -9.85 -12.17 -16.62
CA ASP A 196 -9.85 -13.48 -17.25
C ASP A 196 -10.28 -14.62 -16.33
N LEU A 197 -10.41 -14.35 -15.03
CA LEU A 197 -10.63 -15.41 -14.06
C LEU A 197 -12.07 -15.91 -14.03
N THR A 198 -12.21 -17.24 -13.92
CA THR A 198 -13.49 -17.94 -13.83
C THR A 198 -13.28 -19.12 -12.87
N PRO A 199 -14.35 -19.89 -12.56
CA PRO A 199 -14.17 -21.11 -11.76
C PRO A 199 -13.13 -22.09 -12.32
N GLU A 200 -12.79 -22.00 -13.59
CA GLU A 200 -11.72 -22.82 -14.14
C GLU A 200 -10.41 -22.63 -13.41
N HIS A 201 -10.15 -21.41 -12.94
CA HIS A 201 -8.85 -21.08 -12.37
C HIS A 201 -8.80 -21.22 -10.85
N LEU A 202 -9.89 -21.65 -10.24
CA LEU A 202 -9.93 -21.87 -8.80
C LEU A 202 -8.79 -22.76 -8.28
N PRO A 203 -8.43 -23.83 -9.02
CA PRO A 203 -7.27 -24.60 -8.55
C PRO A 203 -5.94 -23.85 -8.63
N LEU A 204 -5.71 -23.06 -9.68
CA LEU A 204 -4.47 -22.26 -9.79
C LEU A 204 -4.39 -21.26 -8.63
N LEU A 205 -5.51 -20.61 -8.35
CA LEU A 205 -5.56 -19.58 -7.31
C LEU A 205 -5.34 -20.18 -5.92
N ARG A 206 -6.03 -21.28 -5.62
CA ARG A 206 -5.85 -21.98 -4.36
C ARG A 206 -4.41 -22.44 -4.16
N ASN A 207 -3.82 -22.95 -5.23
CA ASN A 207 -2.41 -23.33 -5.21
C ASN A 207 -1.55 -22.14 -4.80
N ILE A 208 -1.73 -21.02 -5.50
CA ILE A 208 -0.98 -19.81 -5.17
C ILE A 208 -1.24 -19.37 -3.74
N LEU A 209 -2.49 -19.41 -3.31
CA LEU A 209 -2.81 -18.95 -1.97
C LEU A 209 -2.15 -19.86 -0.93
N HIS A 210 -2.46 -21.16 -1.00
CA HIS A 210 -1.99 -22.09 0.04
C HIS A 210 -0.53 -22.50 -0.14
N GLN A 211 -0.18 -23.07 -1.28
CA GLN A 211 1.23 -23.44 -1.50
C GLN A 211 2.17 -22.22 -1.38
N GLY A 212 1.70 -21.05 -1.79
CA GLY A 212 2.52 -19.83 -1.71
C GLY A 212 2.81 -19.41 -0.28
N GLN A 213 1.77 -19.43 0.54
CA GLN A 213 1.91 -19.07 1.95
C GLN A 213 2.69 -20.13 2.74
N GLU A 214 2.56 -21.40 2.34
CA GLU A 214 3.32 -22.48 2.97
C GLU A 214 4.83 -22.36 2.69
N ALA A 215 5.17 -21.91 1.49
CA ALA A 215 6.57 -21.72 1.09
C ALA A 215 7.26 -20.59 1.88
N ILE A 216 6.54 -19.47 2.01
CA ILE A 216 6.98 -18.32 2.82
C ILE A 216 7.15 -18.72 4.29
N LEU A 217 6.29 -19.62 4.78
CA LEU A 217 6.37 -20.11 6.14
C LEU A 217 7.68 -20.82 6.39
N GLN A 218 8.02 -21.76 5.51
CA GLN A 218 9.21 -22.59 5.68
C GLN A 218 10.48 -21.86 5.32
N ARG A 219 10.40 -20.95 4.37
CA ARG A 219 11.58 -20.26 3.91
C ARG A 219 11.94 -19.18 4.91
N TYR A 220 11.02 -18.24 5.13
CA TYR A 220 11.30 -17.03 5.92
C TYR A 220 10.71 -17.04 7.33
N ARG A 221 10.11 -18.15 7.77
CA ARG A 221 9.47 -18.25 9.10
C ARG A 221 8.40 -17.15 9.29
N MET A 222 7.61 -16.89 8.24
CA MET A 222 6.59 -15.82 8.26
C MET A 222 5.16 -16.36 8.08
N LYS A 223 4.34 -16.21 9.11
CA LYS A 223 3.00 -16.79 9.12
C LYS A 223 2.05 -16.04 8.19
N GLY A 224 1.07 -16.75 7.65
CA GLY A 224 0.12 -16.18 6.71
C GLY A 224 -0.54 -14.90 7.21
N ASP A 225 -0.76 -14.83 8.53
CA ASP A 225 -1.37 -13.65 9.13
C ASP A 225 -0.39 -12.47 9.30
N HIS A 226 0.83 -12.61 8.78
CA HIS A 226 1.74 -11.47 8.63
C HIS A 226 1.78 -11.01 7.18
N LEU A 227 1.00 -11.66 6.32
CA LEU A 227 1.03 -11.38 4.89
C LEU A 227 -0.30 -10.77 4.41
N ARG A 228 -0.18 -9.82 3.49
CA ARG A 228 -1.30 -9.36 2.70
C ARG A 228 -1.04 -9.89 1.30
N VAL A 229 -1.91 -10.79 0.84
CA VAL A 229 -1.78 -11.47 -0.44
C VAL A 229 -2.86 -10.98 -1.40
N TYR A 230 -2.45 -10.32 -2.48
CA TYR A 230 -3.40 -9.63 -3.35
C TYR A 230 -3.02 -9.69 -4.83
N LEU A 231 -3.90 -9.14 -5.67
CA LEU A 231 -3.64 -8.93 -7.09
C LEU A 231 -3.87 -7.46 -7.39
N HIS A 232 -3.10 -6.92 -8.33
CA HIS A 232 -3.31 -5.57 -8.83
C HIS A 232 -4.37 -5.59 -9.92
N TYR A 233 -5.20 -4.56 -9.94
CA TYR A 233 -5.99 -4.25 -11.11
C TYR A 233 -6.15 -2.72 -11.17
N LEU A 234 -5.69 -2.06 -12.25
CA LEU A 234 -5.02 -2.72 -13.38
C LEU A 234 -3.62 -3.18 -12.95
N PRO A 235 -3.14 -4.29 -13.52
CA PRO A 235 -1.79 -4.74 -13.24
C PRO A 235 -0.77 -3.92 -14.01
N SER A 236 0.50 -4.01 -13.62
CA SER A 236 1.54 -3.26 -14.30
C SER A 236 1.98 -3.98 -15.56
N TYR A 237 1.76 -5.29 -15.58
CA TYR A 237 2.02 -6.12 -16.77
C TYR A 237 0.95 -7.22 -16.85
N TYR A 238 0.60 -7.63 -18.07
CA TYR A 238 -0.62 -8.41 -18.29
C TYR A 238 -0.41 -9.93 -18.36
N HIS A 239 0.15 -10.46 -17.28
CA HIS A 239 0.23 -11.90 -17.07
C HIS A 239 -0.08 -12.11 -15.59
N LEU A 240 -1.19 -12.80 -15.32
CA LEU A 240 -1.66 -13.02 -13.96
C LEU A 240 -0.50 -13.23 -13.01
N HIS A 241 -0.57 -12.57 -11.87
CA HIS A 241 0.49 -12.66 -10.90
C HIS A 241 -0.05 -12.15 -9.58
N VAL A 242 0.36 -12.76 -8.50
CA VAL A 242 -0.12 -12.42 -7.18
C VAL A 242 1.02 -11.82 -6.35
N HIS A 243 0.71 -10.83 -5.53
CA HIS A 243 1.71 -10.17 -4.70
C HIS A 243 1.59 -10.66 -3.26
N PHE A 244 2.67 -11.19 -2.72
CA PHE A 244 2.75 -11.61 -1.33
C PHE A 244 3.56 -10.56 -0.60
N THR A 245 2.97 -9.89 0.39
CA THR A 245 3.66 -8.77 1.05
C THR A 245 3.49 -8.81 2.57
N ALA A 246 4.47 -8.25 3.28
CA ALA A 246 4.36 -8.07 4.72
C ALA A 246 3.17 -7.15 4.97
N LEU A 247 2.26 -7.60 5.82
CA LEU A 247 1.11 -6.79 6.24
C LEU A 247 1.50 -5.39 6.69
N GLY A 248 2.66 -5.27 7.35
CA GLY A 248 3.17 -3.98 7.81
C GLY A 248 3.97 -3.17 6.78
N PHE A 249 4.03 -3.66 5.53
CA PHE A 249 4.70 -2.94 4.46
C PHE A 249 3.65 -2.24 3.62
N GLU A 250 3.71 -0.91 3.52
CA GLU A 250 2.82 -0.19 2.60
C GLU A 250 3.31 -0.45 1.20
N ALA A 251 2.90 -1.60 0.66
CA ALA A 251 3.46 -2.12 -0.58
C ALA A 251 2.89 -1.36 -1.75
N PRO A 252 3.48 -1.52 -2.94
CA PRO A 252 2.97 -0.81 -4.12
C PRO A 252 1.61 -1.35 -4.56
N GLY A 253 0.61 -0.47 -4.62
CA GLY A 253 -0.72 -0.84 -5.07
C GLY A 253 -1.50 -1.71 -4.11
N SER A 254 -1.20 -1.58 -2.82
CA SER A 254 -1.95 -2.27 -1.78
C SER A 254 -3.17 -1.46 -1.32
N GLY A 255 -3.34 -0.26 -1.86
CA GLY A 255 -4.50 0.59 -1.58
C GLY A 255 -5.76 -0.01 -2.18
N VAL A 256 -6.90 0.27 -1.55
CA VAL A 256 -8.17 -0.31 -2.01
C VAL A 256 -8.48 -0.03 -3.49
N GLU A 257 -8.03 1.11 -4.02
CA GLU A 257 -8.28 1.45 -5.42
C GLU A 257 -7.55 0.55 -6.44
N ARG A 258 -6.80 -0.44 -5.96
CA ARG A 258 -6.00 -1.27 -6.84
C ARG A 258 -5.83 -2.72 -6.42
N ALA A 259 -5.83 -2.98 -5.11
CA ALA A 259 -5.51 -4.30 -4.57
C ALA A 259 -6.77 -5.14 -4.32
N HIS A 260 -6.71 -6.41 -4.69
CA HIS A 260 -7.81 -7.34 -4.50
C HIS A 260 -7.28 -8.58 -3.79
N LEU A 261 -7.79 -8.86 -2.59
CA LEU A 261 -7.27 -9.96 -1.80
C LEU A 261 -7.51 -11.29 -2.50
N LEU A 262 -6.48 -12.13 -2.58
CA LEU A 262 -6.57 -13.43 -3.25
C LEU A 262 -7.67 -14.30 -2.63
N ALA A 263 -7.67 -14.43 -1.31
CA ALA A 263 -8.71 -15.18 -0.63
C ALA A 263 -10.09 -14.68 -1.07
N GLU A 264 -10.25 -13.36 -1.17
CA GLU A 264 -11.52 -12.77 -1.64
C GLU A 264 -11.81 -13.05 -3.12
N VAL A 265 -10.76 -13.09 -3.94
CA VAL A 265 -10.93 -13.44 -5.35
C VAL A 265 -11.44 -14.88 -5.49
N ILE A 266 -10.92 -15.78 -4.66
CA ILE A 266 -11.37 -17.18 -4.67
C ILE A 266 -12.84 -17.29 -4.27
N GLU A 267 -13.15 -16.80 -3.08
CA GLU A 267 -14.52 -16.86 -2.55
C GLU A 267 -15.54 -16.11 -3.41
N ASN A 268 -15.10 -15.09 -4.14
CA ASN A 268 -15.96 -14.45 -5.13
C ASN A 268 -16.33 -15.45 -6.25
N LEU A 269 -15.33 -16.00 -6.93
CA LEU A 269 -15.56 -17.00 -7.98
C LEU A 269 -16.41 -18.16 -7.47
N GLU A 270 -16.24 -18.54 -6.20
CA GLU A 270 -17.05 -19.60 -5.59
C GLU A 270 -18.53 -19.20 -5.48
N CYS A 271 -18.77 -17.94 -5.15
CA CYS A 271 -20.13 -17.40 -4.96
C CYS A 271 -20.83 -16.94 -6.23
N ASP A 272 -20.06 -16.61 -7.24
CA ASP A 272 -20.60 -15.95 -8.44
C ASP A 272 -19.61 -16.19 -9.58
N PRO A 273 -19.78 -17.31 -10.30
CA PRO A 273 -18.84 -17.73 -11.36
C PRO A 273 -18.50 -16.65 -12.38
N ARG A 274 -19.47 -15.81 -12.72
CA ARG A 274 -19.26 -14.68 -13.62
C ARG A 274 -18.72 -13.43 -12.92
N HIS A 275 -18.48 -13.52 -11.62
CA HIS A 275 -18.09 -12.35 -10.83
C HIS A 275 -17.17 -11.38 -11.59
N TYR A 276 -15.97 -11.81 -11.94
CA TYR A 276 -15.00 -10.89 -12.55
C TYR A 276 -15.20 -10.64 -14.06
N GLN A 277 -16.21 -11.24 -14.67
CA GLN A 277 -16.63 -10.83 -16.02
C GLN A 277 -17.81 -9.86 -16.01
N GLN A 278 -18.68 -9.97 -15.00
CA GLN A 278 -19.90 -9.17 -14.90
C GLN A 278 -19.67 -7.87 -14.14
N ARG A 279 -18.99 -7.96 -13.00
CA ARG A 279 -18.97 -6.87 -12.02
C ARG A 279 -18.16 -5.64 -12.42
N THR A 280 -18.60 -4.48 -11.94
CA THR A 280 -17.88 -3.23 -12.15
C THR A 280 -16.64 -3.18 -11.24
N LEU A 281 -15.49 -2.79 -11.80
CA LEU A 281 -14.24 -2.69 -11.03
C LEU A 281 -13.77 -1.24 -11.04
N THR A 282 -13.22 -0.81 -9.91
CA THR A 282 -12.71 0.56 -9.80
C THR A 282 -11.18 0.57 -9.76
N PHE A 283 -10.58 1.42 -10.57
CA PHE A 283 -9.14 1.59 -10.57
C PHE A 283 -8.78 2.97 -11.06
N ALA A 284 -7.53 3.36 -10.80
CA ALA A 284 -6.98 4.62 -11.26
C ALA A 284 -6.45 4.48 -12.67
N LEU A 285 -6.31 5.62 -13.34
CA LEU A 285 -5.66 5.70 -14.63
C LEU A 285 -4.95 7.03 -14.69
N ARG A 286 -3.84 7.08 -15.41
CA ARG A 286 -3.16 8.34 -15.65
C ARG A 286 -4.03 9.18 -16.58
N ALA A 287 -3.97 10.51 -16.44
CA ALA A 287 -4.76 11.40 -17.30
C ALA A 287 -4.26 11.39 -18.75
N ASP A 288 -2.97 11.14 -18.94
CA ASP A 288 -2.38 10.99 -20.28
C ASP A 288 -2.72 9.65 -20.97
N ASP A 289 -3.45 8.77 -20.28
CA ASP A 289 -3.80 7.45 -20.81
C ASP A 289 -5.05 7.56 -21.68
N PRO A 290 -4.95 7.12 -22.95
CA PRO A 290 -6.10 7.27 -23.84
C PRO A 290 -7.28 6.36 -23.46
N LEU A 291 -7.02 5.34 -22.66
CA LEU A 291 -8.09 4.46 -22.15
C LEU A 291 -9.15 5.23 -21.36
N LEU A 292 -8.77 6.34 -20.74
CA LEU A 292 -9.68 7.09 -19.87
C LEU A 292 -10.82 7.74 -20.64
N LYS A 293 -10.49 8.48 -21.70
CA LYS A 293 -11.52 9.11 -22.55
C LYS A 293 -12.39 8.06 -23.24
N LEU A 294 -11.79 6.91 -23.52
CA LEU A 294 -12.51 5.80 -24.12
C LEU A 294 -13.49 5.20 -23.12
N LEU A 295 -13.14 5.23 -21.84
CA LEU A 295 -14.01 4.72 -20.79
C LEU A 295 -15.01 5.78 -20.32
N GLN A 296 -14.56 7.02 -20.23
CA GLN A 296 -15.43 8.13 -19.81
C GLN A 296 -16.70 8.27 -20.67
N GLU A 297 -16.56 8.12 -21.98
CA GLU A 297 -17.68 8.33 -22.89
C GLU A 297 -18.70 7.19 -22.91
N ALA A 298 -18.27 6.03 -23.37
CA ALA A 298 -19.19 4.90 -23.64
C ALA A 298 -19.76 4.28 -22.39
N VAL B 4 28.79 16.34 18.25
CA VAL B 4 29.23 15.17 17.44
C VAL B 4 29.14 13.87 18.25
N ARG B 5 28.28 13.87 19.28
CA ARG B 5 28.00 12.67 20.09
C ARG B 5 26.60 12.69 20.67
N LEU B 6 26.09 11.53 21.05
CA LEU B 6 24.73 11.41 21.58
C LEU B 6 24.75 11.83 23.05
N PRO B 7 23.73 12.60 23.51
CA PRO B 7 23.70 13.06 24.91
C PRO B 7 23.51 11.98 25.98
N PHE B 8 23.68 10.70 25.62
CA PHE B 8 23.55 9.60 26.57
C PHE B 8 24.50 8.45 26.19
N SER B 9 24.37 7.33 26.88
CA SER B 9 25.32 6.22 26.75
C SER B 9 24.66 4.86 26.65
N GLY B 10 25.29 3.97 25.87
CA GLY B 10 24.88 2.57 25.78
C GLY B 10 23.45 2.41 25.31
N PHE B 11 23.18 2.88 24.08
CA PHE B 11 21.86 2.72 23.49
C PHE B 11 21.58 1.23 23.38
N ARG B 12 20.33 0.86 23.60
CA ARG B 12 19.95 -0.53 23.60
C ARG B 12 18.45 -0.66 23.38
N LEU B 13 18.08 -1.34 22.30
CA LEU B 13 16.72 -1.38 21.79
C LEU B 13 15.76 -2.14 22.71
N GLN B 14 14.74 -1.44 23.20
CA GLN B 14 13.61 -2.07 23.87
C GLN B 14 12.60 -2.52 22.82
N LYS B 15 12.30 -1.61 21.91
CA LYS B 15 11.16 -1.77 21.03
C LYS B 15 11.29 -0.86 19.81
N VAL B 16 10.98 -1.41 18.63
CA VAL B 16 10.86 -0.63 17.42
C VAL B 16 9.45 -0.04 17.45
N LEU B 17 9.34 1.21 17.89
CA LEU B 17 8.05 1.86 18.02
C LEU B 17 7.30 1.88 16.71
N ARG B 18 8.04 2.08 15.62
CA ARG B 18 7.46 2.18 14.30
C ARG B 18 8.54 2.08 13.23
N GLU B 19 8.17 1.48 12.09
CA GLU B 19 9.02 1.48 10.89
C GLU B 19 8.17 1.58 9.64
N SER B 20 8.72 2.22 8.61
CA SER B 20 8.07 2.36 7.32
C SER B 20 9.11 2.14 6.25
N ALA B 21 9.18 0.91 5.75
CA ALA B 21 10.06 0.56 4.63
C ALA B 21 9.76 1.38 3.38
N ARG B 22 8.54 1.88 3.25
CA ARG B 22 8.17 2.67 2.10
C ARG B 22 8.62 4.13 2.22
N ASP B 23 8.70 4.64 3.44
CA ASP B 23 9.18 6.01 3.70
C ASP B 23 10.65 6.04 4.11
N LYS B 24 11.25 4.87 4.30
CA LYS B 24 12.63 4.74 4.73
C LYS B 24 12.79 5.47 6.05
N ILE B 25 11.92 5.14 7.00
CA ILE B 25 11.96 5.77 8.31
C ILE B 25 11.67 4.75 9.43
N ILE B 26 12.44 4.84 10.51
CA ILE B 26 12.24 4.01 11.72
C ILE B 26 12.21 4.87 12.99
N PHE B 27 11.31 4.52 13.91
CA PHE B 27 11.24 5.14 15.23
C PHE B 27 11.68 4.11 16.26
N LEU B 28 12.79 4.38 16.94
CA LEU B 28 13.40 3.43 17.89
C LEU B 28 13.27 3.87 19.35
N HIS B 29 12.67 3.01 20.17
CA HIS B 29 12.71 3.16 21.62
C HIS B 29 13.94 2.44 22.10
N GLY B 30 14.81 3.15 22.81
CA GLY B 30 15.99 2.56 23.41
C GLY B 30 16.20 3.02 24.84
N LYS B 31 16.87 2.16 25.62
CA LYS B 31 17.27 2.50 26.98
C LYS B 31 18.67 3.09 26.98
N VAL B 32 19.00 3.81 28.06
CA VAL B 32 20.33 4.39 28.18
C VAL B 32 20.82 4.37 29.64
N ASN B 33 22.14 4.24 29.80
CA ASN B 33 22.83 4.38 31.09
C ASN B 33 22.62 3.17 31.99
N GLU B 42 17.46 7.33 30.71
CA GLU B 42 16.76 6.06 30.95
C GLU B 42 15.99 5.65 29.68
N ASP B 43 15.01 6.46 29.28
CA ASP B 43 14.22 6.25 28.05
C ASP B 43 14.60 7.27 26.98
N ALA B 44 14.96 6.77 25.79
CA ALA B 44 15.22 7.62 24.64
C ALA B 44 14.45 7.13 23.40
N VAL B 45 14.04 8.06 22.55
CA VAL B 45 13.51 7.72 21.23
C VAL B 45 14.44 8.27 20.15
N VAL B 46 14.87 7.42 19.23
CA VAL B 46 15.68 7.86 18.10
C VAL B 46 14.93 7.60 16.79
N ILE B 47 14.76 8.66 16.00
CA ILE B 47 14.07 8.60 14.72
C ILE B 47 15.07 8.79 13.57
N LEU B 48 15.23 7.77 12.74
CA LEU B 48 16.13 7.84 11.59
C LEU B 48 15.31 7.88 10.29
N GLU B 49 15.55 8.90 9.45
CA GLU B 49 14.93 8.97 8.14
C GLU B 49 15.99 9.10 7.05
N LYS B 50 16.05 8.13 6.13
CA LYS B 50 16.92 8.26 4.96
C LYS B 50 16.52 9.55 4.27
N THR B 51 17.49 10.21 3.62
CA THR B 51 17.22 11.53 3.05
C THR B 51 16.97 11.47 1.54
N PRO B 52 16.19 12.42 1.02
CA PRO B 52 15.91 12.49 -0.42
C PRO B 52 17.19 12.61 -1.22
N PHE B 53 17.18 12.09 -2.44
CA PHE B 53 18.34 12.18 -3.31
C PHE B 53 18.64 13.61 -3.71
N GLN B 54 19.90 14.00 -3.63
CA GLN B 54 20.39 15.15 -4.35
C GLN B 54 20.71 14.68 -5.75
N VAL B 55 19.91 15.11 -6.71
CA VAL B 55 19.98 14.55 -8.05
C VAL B 55 21.29 14.82 -8.79
N GLU B 56 21.85 16.03 -8.65
CA GLU B 56 23.09 16.35 -9.37
C GLU B 56 24.27 15.50 -8.89
N GLN B 57 24.29 15.18 -7.59
CA GLN B 57 25.31 14.30 -7.05
C GLN B 57 25.23 12.96 -7.77
N VAL B 58 24.06 12.34 -7.73
CA VAL B 58 23.84 11.05 -8.39
C VAL B 58 24.23 11.09 -9.87
N ALA B 59 23.79 12.14 -10.56
CA ALA B 59 23.98 12.27 -12.01
C ALA B 59 25.43 12.07 -12.45
N GLN B 60 26.32 12.92 -11.97
CA GLN B 60 27.75 12.81 -12.27
C GLN B 60 28.38 11.54 -11.73
N LEU B 61 28.01 11.13 -10.51
CA LEU B 61 28.42 9.82 -9.98
C LEU B 61 28.27 8.71 -11.04
N LEU B 62 27.08 8.62 -11.62
CA LEU B 62 26.79 7.61 -12.64
C LEU B 62 27.68 7.74 -13.91
N THR B 63 28.35 8.88 -14.06
CA THR B 63 29.32 9.06 -15.13
C THR B 63 30.75 8.73 -14.69
N GLY B 64 30.95 8.15 -13.52
CA GLY B 64 32.32 7.89 -13.07
C GLY B 64 32.56 7.04 -11.84
N SER B 65 32.72 5.74 -12.04
CA SER B 65 33.17 4.84 -10.98
C SER B 65 32.21 4.72 -9.80
N PRO B 66 30.93 4.40 -10.07
CA PRO B 66 30.05 4.08 -8.96
C PRO B 66 30.28 2.67 -8.48
N GLU B 67 30.46 2.49 -7.17
CA GLU B 67 30.53 1.15 -6.58
C GLU B 67 29.21 0.40 -6.77
N LEU B 68 29.06 -0.24 -7.93
CA LEU B 68 27.90 -1.06 -8.25
C LEU B 68 28.21 -2.53 -8.06
N GLN B 69 27.43 -3.22 -7.25
CA GLN B 69 27.47 -4.70 -7.21
C GLN B 69 26.14 -5.27 -7.71
N LEU B 70 26.17 -5.95 -8.86
CA LEU B 70 24.97 -6.57 -9.45
C LEU B 70 24.30 -7.58 -8.52
N GLN B 71 22.98 -7.54 -8.43
CA GLN B 71 22.27 -8.60 -7.72
C GLN B 71 21.78 -9.66 -8.70
N PHE B 72 21.11 -9.22 -9.77
CA PHE B 72 20.73 -10.13 -10.86
C PHE B 72 20.33 -9.34 -12.10
N SER B 73 20.04 -10.05 -13.19
CA SER B 73 19.48 -9.39 -14.36
C SER B 73 18.55 -10.33 -15.11
N ASN B 74 17.75 -9.74 -15.98
CA ASN B 74 16.71 -10.47 -16.71
C ASN B 74 16.35 -9.60 -17.90
N ASP B 75 16.61 -10.11 -19.10
CA ASP B 75 16.31 -9.38 -20.32
C ASP B 75 17.03 -8.01 -20.24
N ILE B 76 16.28 -6.90 -20.42
CA ILE B 76 16.86 -5.55 -20.42
C ILE B 76 16.97 -4.92 -19.03
N TYR B 77 16.59 -5.68 -18.01
CA TYR B 77 16.57 -5.19 -16.63
C TYR B 77 17.74 -5.76 -15.85
N SER B 78 18.34 -4.91 -15.01
CA SER B 78 19.33 -5.37 -14.02
C SER B 78 19.22 -4.55 -12.74
N THR B 79 19.42 -5.22 -11.60
CA THR B 79 19.35 -4.60 -10.28
C THR B 79 20.69 -4.69 -9.56
N TYR B 80 21.13 -3.54 -9.03
CA TYR B 80 22.43 -3.40 -8.39
C TYR B 80 22.31 -2.86 -6.97
N HIS B 81 23.33 -3.17 -6.17
CA HIS B 81 23.57 -2.50 -4.91
C HIS B 81 24.55 -1.38 -5.17
N LEU B 82 24.17 -0.16 -4.82
CA LEU B 82 25.04 1.01 -4.97
C LEU B 82 25.44 1.50 -3.59
N PHE B 83 26.74 1.71 -3.40
CA PHE B 83 27.28 2.26 -2.17
C PHE B 83 27.95 3.58 -2.52
N PRO B 84 27.20 4.69 -2.41
CA PRO B 84 27.73 5.99 -2.84
C PRO B 84 28.57 6.65 -1.77
N PRO B 85 29.23 7.76 -2.13
CA PRO B 85 30.12 8.44 -1.17
C PRO B 85 29.33 9.22 -0.11
N ARG B 86 30.02 9.73 0.89
CA ARG B 86 29.38 10.11 2.16
C ARG B 86 28.24 11.10 2.06
N GLN B 87 28.39 12.14 1.23
CA GLN B 87 27.38 13.21 1.20
C GLN B 87 26.10 12.83 0.42
N LEU B 88 25.97 11.56 0.05
CA LEU B 88 24.70 10.98 -0.45
C LEU B 88 24.13 9.95 0.53
N ASN B 89 24.80 9.77 1.67
CA ASN B 89 24.42 8.79 2.67
C ASN B 89 23.79 9.41 3.93
N ASP B 90 23.73 10.73 3.97
CA ASP B 90 23.20 11.46 5.12
C ASP B 90 21.86 10.89 5.59
N VAL B 91 21.78 10.58 6.88
CA VAL B 91 20.53 10.14 7.49
C VAL B 91 20.08 11.12 8.57
N LYS B 92 18.84 11.59 8.43
CA LYS B 92 18.25 12.58 9.33
C LYS B 92 17.91 11.91 10.65
N THR B 93 18.64 12.27 11.70
CA THR B 93 18.50 11.63 12.99
C THR B 93 17.92 12.60 14.01
N THR B 94 16.68 12.34 14.44
CA THR B 94 16.06 13.08 15.53
C THR B 94 16.14 12.22 16.80
N VAL B 95 16.39 12.86 17.93
CA VAL B 95 16.56 12.17 19.21
C VAL B 95 15.69 12.83 20.27
N VAL B 96 14.95 12.02 21.03
CA VAL B 96 14.16 12.54 22.14
C VAL B 96 14.69 11.88 23.40
N TYR B 97 15.30 12.68 24.27
CA TYR B 97 15.85 12.17 25.52
C TYR B 97 15.64 13.23 26.62
N PRO B 98 14.94 12.85 27.71
CA PRO B 98 14.22 11.59 27.92
C PRO B 98 12.91 11.55 27.14
N ALA B 99 12.55 10.34 26.70
CA ALA B 99 11.27 10.12 26.06
C ALA B 99 10.22 9.95 27.15
N THR B 100 9.23 10.84 27.13
CA THR B 100 8.07 10.74 28.01
C THR B 100 7.19 9.59 27.56
N GLU B 101 6.41 9.05 28.48
CA GLU B 101 5.50 7.95 28.16
C GLU B 101 4.53 8.38 27.08
N LYS B 102 4.27 9.69 26.98
CA LYS B 102 3.48 10.25 25.89
C LYS B 102 4.17 10.01 24.54
N HIS B 103 5.47 10.33 24.48
CA HIS B 103 6.26 10.20 23.25
C HIS B 103 6.27 8.76 22.76
N LEU B 104 6.44 7.82 23.68
CA LEU B 104 6.36 6.39 23.36
C LEU B 104 4.98 6.02 22.81
N GLN B 105 3.92 6.61 23.34
CA GLN B 105 2.56 6.35 22.89
C GLN B 105 2.30 6.94 21.50
N LYS B 106 2.83 8.13 21.24
CA LYS B 106 2.55 8.83 19.98
C LYS B 106 3.16 8.11 18.77
N TYR B 107 4.38 7.59 18.91
CA TYR B 107 5.10 7.03 17.77
C TYR B 107 4.73 5.56 17.54
N LEU B 108 4.54 4.82 18.64
CA LEU B 108 4.19 3.40 18.60
C LEU B 108 3.09 3.06 17.60
N ARG B 109 3.47 2.37 16.52
CA ARG B 109 2.53 1.71 15.62
C ARG B 109 2.64 0.21 15.87
N GLN B 110 1.59 -0.38 16.41
CA GLN B 110 1.61 -1.78 16.83
C GLN B 110 1.55 -2.75 15.65
N ASP B 111 2.46 -3.75 15.68
CA ASP B 111 2.47 -4.85 14.74
C ASP B 111 1.07 -5.46 14.63
N LEU B 112 0.57 -5.55 13.40
CA LEU B 112 -0.76 -6.06 13.12
C LEU B 112 -0.71 -7.52 12.67
N ARG B 113 -1.88 -8.17 12.70
CA ARG B 113 -2.04 -9.54 12.23
C ARG B 113 -3.37 -9.66 11.49
N LEU B 114 -3.34 -10.28 10.32
CA LEU B 114 -4.54 -10.43 9.50
C LEU B 114 -5.50 -11.46 10.13
N ILE B 115 -6.78 -11.14 10.16
CA ILE B 115 -7.82 -12.12 10.50
C ILE B 115 -8.85 -12.17 9.39
N ARG B 116 -9.34 -13.37 9.11
CA ARG B 116 -10.40 -13.57 8.15
C ARG B 116 -11.66 -13.92 8.93
N GLU B 117 -12.56 -12.95 9.05
CA GLU B 117 -13.73 -13.10 9.89
C GLU B 117 -14.95 -13.56 9.08
N THR B 118 -15.42 -14.77 9.36
CA THR B 118 -16.65 -15.29 8.75
C THR B 118 -17.89 -14.71 9.43
N GLY B 119 -19.04 -14.87 8.78
CA GLY B 119 -20.32 -14.44 9.33
C GLY B 119 -20.56 -15.05 10.70
N ASP B 120 -20.35 -16.37 10.80
CA ASP B 120 -20.43 -17.07 12.08
C ASP B 120 -19.41 -16.59 13.11
N ASP B 121 -18.16 -16.42 12.70
CA ASP B 121 -17.11 -15.90 13.59
C ASP B 121 -17.54 -14.56 14.19
N TYR B 122 -18.09 -13.68 13.37
CA TYR B 122 -18.52 -12.36 13.81
C TYR B 122 -19.59 -12.45 14.88
N ARG B 123 -20.70 -13.09 14.52
CA ARG B 123 -21.81 -13.29 15.43
C ARG B 123 -21.42 -14.00 16.72
N ASN B 124 -20.55 -15.00 16.64
CA ASN B 124 -20.20 -15.82 17.80
C ASN B 124 -19.09 -15.24 18.66
N ILE B 125 -18.21 -14.44 18.07
CA ILE B 125 -16.99 -14.00 18.76
C ILE B 125 -16.86 -12.49 18.79
N THR B 126 -16.94 -11.85 17.62
CA THR B 126 -16.63 -10.42 17.51
C THR B 126 -17.71 -9.53 18.12
N LEU B 127 -18.96 -9.75 17.75
CA LEU B 127 -20.07 -8.94 18.28
C LEU B 127 -20.15 -9.04 19.81
N PRO B 128 -20.17 -10.27 20.39
CA PRO B 128 -20.10 -10.42 21.84
C PRO B 128 -19.02 -9.59 22.51
N HIS B 129 -17.83 -9.58 21.92
CA HIS B 129 -16.71 -8.80 22.43
C HIS B 129 -16.98 -7.32 22.30
N LEU B 130 -17.46 -6.90 21.13
CA LEU B 130 -17.82 -5.49 20.90
C LEU B 130 -18.82 -5.00 21.94
N GLU B 131 -19.83 -5.82 22.22
CA GLU B 131 -20.87 -5.47 23.19
C GLU B 131 -20.38 -5.46 24.64
N SER B 132 -19.22 -6.06 24.88
CA SER B 132 -18.67 -6.17 26.23
C SER B 132 -17.87 -4.91 26.59
N GLN B 133 -17.91 -3.92 25.71
CA GLN B 133 -17.23 -2.65 25.92
C GLN B 133 -18.19 -1.49 25.83
N SER B 134 -17.71 -0.31 26.24
CA SER B 134 -18.48 0.91 26.21
C SER B 134 -17.69 2.03 25.52
N LEU B 135 -17.78 2.06 24.19
CA LEU B 135 -17.11 3.07 23.38
C LEU B 135 -18.07 4.25 23.20
N SER B 136 -17.57 5.46 23.44
CA SER B 136 -18.40 6.66 23.45
C SER B 136 -18.37 7.35 22.10
N ILE B 137 -19.56 7.62 21.55
CA ILE B 137 -19.71 8.34 20.28
C ILE B 137 -20.50 9.63 20.48
N GLN B 138 -20.38 10.18 21.70
CA GLN B 138 -20.99 11.45 22.04
C GLN B 138 -20.51 12.56 21.10
N TRP B 139 -19.23 12.51 20.72
CA TRP B 139 -18.70 13.53 19.82
C TRP B 139 -19.40 13.45 18.46
N VAL B 140 -19.76 12.22 18.08
CA VAL B 140 -20.46 11.98 16.83
C VAL B 140 -21.90 12.46 16.92
N TYR B 141 -22.55 12.18 18.05
CA TYR B 141 -23.93 12.62 18.23
C TYR B 141 -24.07 14.13 18.30
N ASN B 142 -23.05 14.81 18.81
CA ASN B 142 -23.09 16.26 18.91
C ASN B 142 -23.10 16.94 17.54
N ILE B 143 -22.36 16.39 16.58
CA ILE B 143 -22.35 16.89 15.19
C ILE B 143 -23.73 16.70 14.55
N LEU B 144 -24.28 15.50 14.64
CA LEU B 144 -25.61 15.22 14.08
C LEU B 144 -26.68 16.14 14.70
N ASP B 145 -26.61 16.31 16.02
CA ASP B 145 -27.56 17.15 16.74
C ASP B 145 -27.31 18.65 16.57
N LYS B 146 -26.14 19.01 16.05
CA LYS B 146 -25.79 20.42 15.84
C LYS B 146 -25.45 21.13 17.15
N LYS B 147 -24.83 20.42 18.10
CA LYS B 147 -24.33 21.05 19.34
C LYS B 147 -22.84 21.38 19.26
N ALA B 148 -22.19 20.97 18.19
CA ALA B 148 -20.77 21.23 18.00
C ALA B 148 -20.43 21.08 16.53
N GLU B 149 -19.52 21.94 16.04
CA GLU B 149 -19.01 21.90 14.67
C GLU B 149 -20.05 22.21 13.59
N ALA B 150 -21.21 22.76 13.97
CA ALA B 150 -22.20 23.13 12.98
C ALA B 150 -21.61 24.15 11.98
N ASP B 151 -20.71 25.02 12.45
CA ASP B 151 -20.00 25.97 11.60
C ASP B 151 -19.19 25.29 10.48
N ARG B 152 -18.80 24.03 10.70
CA ARG B 152 -17.90 23.31 9.76
C ARG B 152 -18.57 22.34 8.78
N ILE B 153 -19.88 22.19 8.85
CA ILE B 153 -20.59 21.28 7.95
C ILE B 153 -20.54 21.78 6.51
N VAL B 154 -20.10 20.93 5.59
CA VAL B 154 -20.07 21.29 4.16
C VAL B 154 -21.41 21.01 3.47
N PHE B 155 -22.04 19.89 3.81
CA PHE B 155 -23.35 19.52 3.26
C PHE B 155 -24.13 18.70 4.28
N GLU B 156 -25.46 18.78 4.21
CA GLU B 156 -26.35 17.95 5.03
C GLU B 156 -27.59 17.47 4.26
N ASN B 157 -27.96 16.20 4.49
CA ASN B 157 -29.22 15.66 4.03
C ASN B 157 -30.02 15.30 5.29
N PRO B 158 -30.78 16.28 5.82
CA PRO B 158 -31.29 16.16 7.20
C PRO B 158 -32.30 15.04 7.47
N ASP B 159 -32.62 14.22 6.48
CA ASP B 159 -33.56 13.14 6.71
C ASP B 159 -33.04 12.21 7.79
N PRO B 160 -33.86 11.90 8.82
CA PRO B 160 -33.42 11.01 9.91
C PRO B 160 -33.31 9.50 9.59
N SER B 161 -33.59 9.08 8.36
CA SER B 161 -33.43 7.67 7.96
C SER B 161 -32.33 7.50 6.92
N ASP B 162 -32.45 8.24 5.82
CA ASP B 162 -31.49 8.16 4.70
C ASP B 162 -30.56 9.37 4.63
N GLY B 163 -30.56 10.21 5.66
CA GLY B 163 -29.80 11.44 5.62
C GLY B 163 -28.47 11.33 6.34
N PHE B 164 -27.62 12.34 6.15
CA PHE B 164 -26.29 12.33 6.74
C PHE B 164 -25.74 13.74 6.84
N VAL B 165 -24.63 13.87 7.58
CA VAL B 165 -23.85 15.11 7.63
C VAL B 165 -22.47 14.90 7.01
N LEU B 166 -22.05 15.78 6.10
CA LEU B 166 -20.71 15.75 5.50
C LEU B 166 -19.83 16.78 6.18
N ILE B 167 -18.69 16.37 6.71
CA ILE B 167 -17.91 17.25 7.56
C ILE B 167 -16.42 16.93 7.42
N PRO B 168 -15.58 17.98 7.31
CA PRO B 168 -14.14 17.82 7.34
C PRO B 168 -13.69 17.05 8.57
N ASP B 169 -12.63 16.26 8.39
CA ASP B 169 -12.01 15.57 9.50
C ASP B 169 -11.16 16.58 10.27
N LEU B 170 -10.91 16.27 11.55
CA LEU B 170 -9.98 17.04 12.38
C LEU B 170 -8.63 17.28 11.71
N LYS B 171 -8.06 16.22 11.13
CA LYS B 171 -6.67 16.23 10.63
C LYS B 171 -6.44 17.21 9.48
N TRP B 172 -7.52 17.63 8.83
CA TRP B 172 -7.43 18.41 7.61
C TRP B 172 -7.72 19.89 7.86
N ASN B 173 -6.68 20.71 7.73
CA ASN B 173 -6.78 22.15 8.02
C ASN B 173 -7.45 23.02 6.95
N GLN B 174 -7.77 22.44 5.80
CA GLN B 174 -8.42 23.15 4.69
C GLN B 174 -7.62 24.34 4.14
N GLN B 175 -6.28 24.24 4.12
CA GLN B 175 -5.44 25.25 3.46
C GLN B 175 -4.91 24.74 2.11
N GLN B 176 -5.26 23.50 1.74
CA GLN B 176 -4.77 22.85 0.52
C GLN B 176 -5.57 21.55 0.24
N LEU B 177 -5.92 21.31 -1.03
CA LEU B 177 -6.72 20.14 -1.39
C LEU B 177 -5.90 18.87 -1.60
N ASP B 178 -4.59 18.96 -1.35
CA ASP B 178 -3.68 17.82 -1.50
C ASP B 178 -4.15 16.67 -0.64
N ASP B 179 -4.44 16.99 0.63
CA ASP B 179 -4.82 15.99 1.63
C ASP B 179 -6.27 16.18 2.09
N LEU B 180 -7.17 16.34 1.12
CA LEU B 180 -8.60 16.50 1.38
C LEU B 180 -9.17 15.25 2.09
N TYR B 181 -9.90 15.47 3.19
CA TYR B 181 -10.39 14.37 4.02
C TYR B 181 -11.66 14.79 4.76
N LEU B 182 -12.81 14.52 4.14
CA LEU B 182 -14.12 14.73 4.75
C LEU B 182 -14.70 13.40 5.25
N ILE B 183 -15.62 13.47 6.20
CA ILE B 183 -16.29 12.28 6.74
C ILE B 183 -17.81 12.44 6.63
N ALA B 184 -18.47 11.39 6.15
CA ALA B 184 -19.92 11.37 6.10
C ALA B 184 -20.44 10.56 7.29
N ILE B 185 -21.22 11.21 8.15
CA ILE B 185 -21.82 10.56 9.30
C ILE B 185 -23.34 10.56 9.10
N CYS B 186 -23.92 9.36 9.09
CA CYS B 186 -25.33 9.25 8.81
C CYS B 186 -26.15 9.62 10.05
N HIS B 187 -27.34 10.14 9.83
CA HIS B 187 -28.22 10.57 10.91
C HIS B 187 -28.79 9.38 11.66
N ARG B 188 -29.13 8.34 10.91
CA ARG B 188 -29.74 7.14 11.50
C ARG B 188 -28.78 6.53 12.49
N ARG B 189 -29.34 6.02 13.58
CA ARG B 189 -28.56 5.46 14.66
C ARG B 189 -28.62 3.93 14.65
N GLY B 190 -27.78 3.29 15.47
CA GLY B 190 -27.75 1.84 15.57
C GLY B 190 -27.00 1.05 14.49
N ILE B 191 -26.43 1.72 13.49
CA ILE B 191 -25.64 1.03 12.47
C ILE B 191 -24.20 1.02 12.93
N ARG B 192 -23.81 -0.06 13.58
CA ARG B 192 -22.50 -0.12 14.21
C ARG B 192 -21.35 -0.29 13.22
N SER B 193 -21.57 -1.03 12.13
CA SER B 193 -20.53 -1.25 11.09
C SER B 193 -21.08 -1.87 9.80
N LEU B 194 -20.19 -2.15 8.86
CA LEU B 194 -20.51 -2.85 7.61
C LEU B 194 -21.43 -4.06 7.86
N ARG B 195 -21.17 -4.77 8.97
CA ARG B 195 -21.91 -5.99 9.30
C ARG B 195 -23.40 -5.79 9.43
N ASP B 196 -23.81 -4.58 9.79
CA ASP B 196 -25.22 -4.26 9.92
C ASP B 196 -25.88 -3.87 8.60
N LEU B 197 -25.10 -3.63 7.54
CA LEU B 197 -25.65 -3.13 6.28
C LEU B 197 -26.40 -4.18 5.46
N THR B 198 -27.71 -3.94 5.31
CA THR B 198 -28.62 -4.68 4.44
C THR B 198 -29.12 -3.73 3.32
N PRO B 199 -29.96 -4.23 2.39
CA PRO B 199 -30.44 -3.38 1.28
C PRO B 199 -31.28 -2.18 1.74
N GLU B 200 -31.97 -2.37 2.86
CA GLU B 200 -32.67 -1.29 3.59
C GLU B 200 -31.86 0.01 3.69
N HIS B 201 -30.53 -0.11 3.69
CA HIS B 201 -29.64 1.04 3.84
C HIS B 201 -29.19 1.64 2.50
N LEU B 202 -29.53 1.01 1.38
CA LEU B 202 -29.07 1.49 0.06
C LEU B 202 -29.41 2.94 -0.29
N PRO B 203 -30.64 3.39 0.03
CA PRO B 203 -30.88 4.82 -0.22
C PRO B 203 -29.88 5.72 0.52
N LEU B 204 -29.62 5.39 1.78
CA LEU B 204 -28.62 6.10 2.59
C LEU B 204 -27.20 6.05 2.00
N LEU B 205 -26.78 4.85 1.60
CA LEU B 205 -25.44 4.62 1.06
C LEU B 205 -25.25 5.34 -0.27
N ARG B 206 -26.21 5.19 -1.17
CA ARG B 206 -26.27 5.96 -2.44
C ARG B 206 -26.31 7.46 -2.21
N ASN B 207 -27.08 7.90 -1.22
CA ASN B 207 -27.11 9.31 -0.84
C ASN B 207 -25.72 9.80 -0.44
N ILE B 208 -25.12 9.16 0.55
CA ILE B 208 -23.77 9.52 0.96
C ILE B 208 -22.83 9.62 -0.24
N LEU B 209 -22.86 8.60 -1.10
CA LEU B 209 -21.98 8.54 -2.26
C LEU B 209 -22.29 9.66 -3.26
N HIS B 210 -23.53 9.69 -3.72
CA HIS B 210 -23.88 10.54 -4.84
C HIS B 210 -24.00 11.99 -4.43
N GLN B 211 -24.61 12.25 -3.28
CA GLN B 211 -24.78 13.61 -2.81
C GLN B 211 -23.47 14.15 -2.24
N GLY B 212 -22.81 13.34 -1.42
CA GLY B 212 -21.51 13.70 -0.85
C GLY B 212 -20.44 14.03 -1.89
N GLN B 213 -20.43 13.28 -2.99
CA GLN B 213 -19.52 13.59 -4.11
C GLN B 213 -19.98 14.86 -4.81
N GLU B 214 -21.24 14.89 -5.25
CA GLU B 214 -21.83 16.11 -5.80
C GLU B 214 -21.39 17.31 -4.94
N ALA B 215 -21.53 17.18 -3.62
CA ALA B 215 -21.23 18.29 -2.69
C ALA B 215 -19.79 18.74 -2.75
N ILE B 216 -18.86 17.78 -2.87
CA ILE B 216 -17.43 18.10 -2.88
C ILE B 216 -17.03 18.82 -4.18
N LEU B 217 -17.76 18.52 -5.26
CA LEU B 217 -17.56 19.21 -6.53
C LEU B 217 -18.05 20.65 -6.40
N GLN B 218 -19.26 20.80 -5.91
CA GLN B 218 -19.88 22.11 -5.73
C GLN B 218 -19.08 23.03 -4.80
N ARG B 219 -18.66 22.48 -3.66
CA ARG B 219 -17.95 23.26 -2.65
C ARG B 219 -16.51 23.48 -3.09
N TYR B 220 -15.72 22.40 -3.08
CA TYR B 220 -14.27 22.46 -3.29
C TYR B 220 -13.80 22.34 -4.75
N ARG B 221 -14.75 22.22 -5.68
CA ARG B 221 -14.44 22.16 -7.12
C ARG B 221 -13.51 20.98 -7.44
N MET B 222 -13.74 19.86 -6.76
CA MET B 222 -12.93 18.67 -6.89
C MET B 222 -13.82 17.53 -7.40
N LYS B 223 -13.47 17.02 -8.58
CA LYS B 223 -14.33 16.08 -9.30
C LYS B 223 -14.36 14.74 -8.55
N GLY B 224 -15.41 13.95 -8.78
CA GLY B 224 -15.63 12.70 -8.07
C GLY B 224 -14.64 11.61 -8.42
N ASP B 225 -14.00 11.73 -9.59
CA ASP B 225 -12.97 10.76 -9.98
C ASP B 225 -11.59 11.10 -9.40
N HIS B 226 -11.56 12.12 -8.52
CA HIS B 226 -10.38 12.47 -7.74
C HIS B 226 -10.58 12.05 -6.27
N LEU B 227 -11.55 11.18 -6.02
CA LEU B 227 -11.93 10.83 -4.66
C LEU B 227 -11.91 9.34 -4.41
N ARG B 228 -11.21 8.96 -3.34
CA ARG B 228 -11.34 7.65 -2.71
C ARG B 228 -12.44 7.70 -1.63
N VAL B 229 -13.55 7.04 -1.92
CA VAL B 229 -14.72 7.04 -1.04
C VAL B 229 -14.89 5.64 -0.47
N TYR B 230 -14.76 5.51 0.86
CA TYR B 230 -14.66 4.18 1.47
C TYR B 230 -15.06 4.11 2.93
N LEU B 231 -15.45 2.90 3.36
CA LEU B 231 -15.68 2.58 4.77
C LEU B 231 -14.51 1.78 5.34
N HIS B 232 -14.36 1.82 6.66
CA HIS B 232 -13.36 1.04 7.38
C HIS B 232 -14.02 -0.20 7.96
N TYR B 233 -13.30 -1.31 7.95
CA TYR B 233 -13.67 -2.45 8.78
C TYR B 233 -12.40 -3.21 9.21
N LEU B 234 -12.16 -3.37 10.52
CA LEU B 234 -12.96 -2.79 11.60
C LEU B 234 -12.90 -1.27 11.60
N PRO B 235 -13.98 -0.60 12.06
CA PRO B 235 -14.02 0.86 12.13
C PRO B 235 -13.52 1.34 13.47
N SER B 236 -13.09 2.59 13.53
CA SER B 236 -12.51 3.12 14.76
C SER B 236 -13.57 3.55 15.77
N TYR B 237 -14.78 3.83 15.29
CA TYR B 237 -15.93 4.04 16.17
C TYR B 237 -17.15 3.43 15.53
N TYR B 238 -18.04 2.87 16.34
CA TYR B 238 -19.11 2.01 15.81
C TYR B 238 -20.43 2.74 15.55
N HIS B 239 -20.35 3.78 14.72
CA HIS B 239 -21.49 4.44 14.11
C HIS B 239 -21.10 4.64 12.64
N LEU B 240 -21.92 4.13 11.72
CA LEU B 240 -21.56 4.11 10.30
C LEU B 240 -20.99 5.46 9.87
N HIS B 241 -19.87 5.42 9.16
CA HIS B 241 -19.30 6.64 8.58
C HIS B 241 -18.51 6.32 7.31
N VAL B 242 -18.40 7.29 6.42
CA VAL B 242 -17.68 7.10 5.15
C VAL B 242 -16.59 8.14 4.97
N HIS B 243 -15.40 7.70 4.58
CA HIS B 243 -14.27 8.63 4.36
C HIS B 243 -14.20 9.10 2.91
N PHE B 244 -14.09 10.41 2.74
CA PHE B 244 -13.83 11.00 1.45
C PHE B 244 -12.44 11.61 1.50
N THR B 245 -11.55 11.11 0.64
CA THR B 245 -10.17 11.60 0.57
C THR B 245 -9.75 11.85 -0.86
N ALA B 246 -8.84 12.81 -1.03
CA ALA B 246 -8.21 13.04 -2.32
C ALA B 246 -7.40 11.80 -2.68
N LEU B 247 -7.73 11.21 -3.83
CA LEU B 247 -7.08 10.01 -4.34
C LEU B 247 -5.57 10.09 -4.27
N GLY B 248 -5.00 11.26 -4.58
CA GLY B 248 -3.57 11.45 -4.55
C GLY B 248 -2.95 11.44 -3.17
N PHE B 249 -3.77 11.28 -2.14
CA PHE B 249 -3.36 11.31 -0.74
C PHE B 249 -3.72 10.00 -0.04
N GLU B 250 -2.74 9.11 0.05
CA GLU B 250 -2.94 7.78 0.65
C GLU B 250 -3.02 7.88 2.16
N ALA B 251 -4.21 8.17 2.67
CA ALA B 251 -4.46 8.19 4.10
C ALA B 251 -4.23 6.78 4.66
N PRO B 252 -3.54 6.67 5.80
CA PRO B 252 -3.58 5.38 6.47
C PRO B 252 -5.04 4.94 6.71
N GLY B 253 -5.34 3.70 6.33
CA GLY B 253 -6.70 3.18 6.41
C GLY B 253 -7.22 2.85 5.02
N SER B 254 -6.66 3.51 4.03
CA SER B 254 -7.03 3.29 2.62
C SER B 254 -6.52 1.96 2.04
N GLY B 255 -5.81 1.16 2.84
CA GLY B 255 -5.33 -0.15 2.40
C GLY B 255 -6.46 -1.13 2.14
N VAL B 256 -6.19 -2.15 1.33
CA VAL B 256 -7.22 -3.15 1.01
C VAL B 256 -7.62 -3.99 2.22
N GLU B 257 -6.71 -4.17 3.17
CA GLU B 257 -7.03 -4.89 4.40
C GLU B 257 -7.94 -4.09 5.37
N ARG B 258 -8.26 -2.83 5.04
CA ARG B 258 -9.19 -2.06 5.86
C ARG B 258 -10.30 -1.32 5.10
N ALA B 259 -9.98 -0.74 3.95
CA ALA B 259 -10.93 0.09 3.20
C ALA B 259 -11.85 -0.75 2.32
N HIS B 260 -13.14 -0.40 2.34
CA HIS B 260 -14.13 -0.93 1.39
C HIS B 260 -14.79 0.25 0.71
N LEU B 261 -14.73 0.29 -0.61
CA LEU B 261 -15.27 1.42 -1.36
C LEU B 261 -16.79 1.44 -1.27
N LEU B 262 -17.35 2.65 -1.22
CA LEU B 262 -18.79 2.86 -1.11
C LEU B 262 -19.51 2.33 -2.34
N ALA B 263 -18.87 2.51 -3.50
CA ALA B 263 -19.42 2.06 -4.78
C ALA B 263 -19.66 0.56 -4.82
N GLU B 264 -18.72 -0.23 -4.28
CA GLU B 264 -18.82 -1.69 -4.27
C GLU B 264 -19.74 -2.20 -3.16
N VAL B 265 -19.63 -1.61 -1.96
CA VAL B 265 -20.53 -2.00 -0.87
C VAL B 265 -21.97 -1.90 -1.34
N ILE B 266 -22.29 -0.82 -2.06
CA ILE B 266 -23.62 -0.65 -2.62
C ILE B 266 -23.95 -1.81 -3.57
N GLU B 267 -23.07 -2.07 -4.53
CA GLU B 267 -23.35 -3.09 -5.55
C GLU B 267 -23.38 -4.51 -4.99
N ASN B 268 -22.61 -4.79 -3.95
CA ASN B 268 -22.67 -6.08 -3.26
C ASN B 268 -24.07 -6.34 -2.71
N LEU B 269 -24.68 -5.31 -2.12
CA LEU B 269 -26.02 -5.42 -1.53
C LEU B 269 -27.07 -5.63 -2.62
N GLU B 270 -26.87 -5.01 -3.79
CA GLU B 270 -27.72 -5.23 -4.96
C GLU B 270 -27.64 -6.69 -5.44
N CYS B 271 -26.42 -7.25 -5.52
CA CYS B 271 -26.23 -8.63 -5.98
C CYS B 271 -26.63 -9.67 -4.96
N ASP B 272 -26.23 -9.43 -3.71
CA ASP B 272 -26.34 -10.41 -2.65
C ASP B 272 -26.80 -9.64 -1.42
N PRO B 273 -28.10 -9.69 -1.10
CA PRO B 273 -28.62 -8.90 0.04
C PRO B 273 -28.03 -9.28 1.39
N ARG B 274 -27.67 -10.56 1.56
CA ARG B 274 -27.11 -11.06 2.81
C ARG B 274 -25.57 -10.93 2.91
N HIS B 275 -24.98 -10.26 1.92
CA HIS B 275 -23.52 -10.24 1.72
C HIS B 275 -22.70 -9.95 2.98
N TYR B 276 -23.09 -8.91 3.71
CA TYR B 276 -22.28 -8.46 4.83
C TYR B 276 -22.65 -9.14 6.14
N GLN B 277 -23.73 -9.91 6.15
CA GLN B 277 -24.03 -10.79 7.28
C GLN B 277 -23.53 -12.21 7.02
N GLN B 278 -23.24 -12.52 5.75
CA GLN B 278 -22.96 -13.90 5.33
C GLN B 278 -21.52 -14.19 4.85
N ARG B 279 -20.82 -13.21 4.27
CA ARG B 279 -19.48 -13.43 3.69
C ARG B 279 -18.32 -13.27 4.68
N THR B 280 -17.11 -13.63 4.26
CA THR B 280 -15.91 -13.49 5.10
C THR B 280 -15.26 -12.12 4.90
N LEU B 281 -15.09 -11.35 5.98
CA LEU B 281 -14.41 -10.05 5.90
C LEU B 281 -13.01 -10.12 6.50
N THR B 282 -12.07 -9.47 5.81
CA THR B 282 -10.66 -9.52 6.17
C THR B 282 -10.16 -8.16 6.68
N PHE B 283 -9.62 -8.15 7.89
CA PHE B 283 -9.05 -6.95 8.49
C PHE B 283 -7.80 -7.28 9.29
N ALA B 284 -7.14 -6.26 9.84
CA ALA B 284 -5.98 -6.48 10.71
C ALA B 284 -6.24 -5.90 12.08
N LEU B 285 -5.89 -6.66 13.11
CA LEU B 285 -5.99 -6.24 14.51
C LEU B 285 -4.58 -6.09 15.06
N ARG B 286 -4.44 -5.34 16.16
CA ARG B 286 -3.15 -5.22 16.83
C ARG B 286 -2.80 -6.58 17.41
N ALA B 287 -1.52 -6.92 17.40
CA ALA B 287 -1.04 -8.25 17.79
C ALA B 287 -1.40 -8.62 19.21
N ASP B 288 -1.61 -7.61 20.05
CA ASP B 288 -2.03 -7.80 21.44
C ASP B 288 -3.45 -7.24 21.64
N ASP B 289 -4.37 -7.64 20.76
CA ASP B 289 -5.77 -7.24 20.85
C ASP B 289 -6.56 -8.47 21.28
N PRO B 290 -7.09 -8.45 22.51
CA PRO B 290 -7.88 -9.59 23.04
C PRO B 290 -8.87 -10.21 22.04
N LEU B 291 -9.32 -9.43 21.07
CA LEU B 291 -10.13 -9.97 19.96
C LEU B 291 -9.31 -10.85 19.00
N LEU B 292 -8.07 -10.46 18.71
CA LEU B 292 -7.17 -11.26 17.87
C LEU B 292 -7.03 -12.67 18.44
N LYS B 293 -6.69 -12.74 19.73
CA LYS B 293 -6.57 -14.00 20.44
C LYS B 293 -7.88 -14.80 20.36
N LEU B 294 -8.97 -14.25 20.91
CA LEU B 294 -10.31 -14.86 20.85
C LEU B 294 -10.61 -15.51 19.50
N LEU B 295 -10.46 -14.73 18.44
CA LEU B 295 -10.71 -15.21 17.09
C LEU B 295 -9.76 -16.32 16.70
N GLN B 296 -8.48 -16.16 17.06
CA GLN B 296 -7.46 -17.16 16.77
C GLN B 296 -7.72 -18.49 17.47
N GLU B 297 -8.45 -18.46 18.59
CA GLU B 297 -8.77 -19.65 19.37
C GLU B 297 -9.91 -20.43 18.73
N ALA B 298 -10.97 -19.71 18.38
CA ALA B 298 -12.16 -20.32 17.81
C ALA B 298 -11.89 -20.89 16.43
N GLN B 299 -10.76 -20.51 15.83
CA GLN B 299 -10.34 -21.06 14.55
C GLN B 299 -9.25 -22.14 14.69
N GLN B 300 -8.72 -22.33 15.90
CA GLN B 300 -7.71 -23.37 16.16
C GLN B 300 -8.28 -24.45 17.09
#